data_4QWO
#
_entry.id   4QWO
#
_cell.length_a   41.617
_cell.length_b   50.498
_cell.length_c   119.617
_cell.angle_alpha   90.00
_cell.angle_beta   90.00
_cell.angle_gamma   90.00
#
_symmetry.space_group_name_H-M   'P 21 21 21'
#
loop_
_entity.id
_entity.type
_entity.pdbx_description
1 polymer Profilin
2 non-polymer 3,6,9,12,15,18,21-HEPTAOXATRICOSANE-1,23-DIOL
3 non-polymer 1,2-ETHANEDIOL
4 non-polymer 'CHLORIDE ION'
5 non-polymer DI(HYDROXYETHYL)ETHER
6 water water
#
_entity_poly.entity_id   1
_entity_poly.type   'polypeptide(L)'
_entity_poly.pdbx_seq_one_letter_code
;(MSE)HHHHHHSSGVDLGTENLYFQSNA(MSE)AEWHKIIEDISKNNKFEDAAIVDYKTTKNVLAAIPNRTFAKINPGEV
IPLITNHNILKPLIGQKFCIVYTNSL(MSE)DENTYA(MSE)ELLTGYAPVSPIVIARTHTALIFL(MSE)GKPTTSRRD
VYRTCRDHATRVRATGN
;
_entity_poly.pdbx_strand_id   A,B
#
loop_
_chem_comp.id
_chem_comp.type
_chem_comp.name
_chem_comp.formula
CL non-polymer 'CHLORIDE ION' 'Cl -1'
EDO non-polymer 1,2-ETHANEDIOL 'C2 H6 O2'
PE8 non-polymer 3,6,9,12,15,18,21-HEPTAOXATRICOSANE-1,23-DIOL 'C16 H34 O9'
PEG non-polymer DI(HYDROXYETHYL)ETHER 'C4 H10 O3'
#
# COMPACT_ATOMS: atom_id res chain seq x y z
N ALA A 24 11.41 -17.85 -1.84
CA ALA A 24 11.40 -16.50 -1.20
C ALA A 24 12.78 -15.84 -1.08
N MSE A 25 13.85 -16.64 -0.99
N MSE A 25 13.84 -16.64 -0.97
CA MSE A 25 15.19 -16.08 -0.78
CA MSE A 25 15.19 -16.11 -0.77
C MSE A 25 15.62 -15.21 -1.93
C MSE A 25 15.65 -15.24 -1.92
O MSE A 25 16.15 -14.12 -1.75
O MSE A 25 16.21 -14.17 -1.71
CB MSE A 25 16.24 -17.17 -0.54
CB MSE A 25 16.16 -17.26 -0.50
CG MSE A 25 16.04 -17.97 0.73
CG MSE A 25 15.73 -18.04 0.75
SE MSE A 25 16.25 -16.81 2.32
SE MSE A 25 17.24 -18.27 1.99
CE MSE A 25 17.72 -17.67 3.30
CE MSE A 25 17.25 -16.45 2.73
N ALA A 26 15.41 -15.70 -3.16
CA ALA A 26 15.80 -14.91 -4.32
C ALA A 26 15.00 -13.58 -4.37
N GLU A 27 13.73 -13.63 -3.99
CA GLU A 27 12.93 -12.42 -4.06
C GLU A 27 13.39 -11.31 -3.13
N TRP A 28 13.96 -11.65 -1.99
CA TRP A 28 14.45 -10.61 -1.11
C TRP A 28 15.51 -9.79 -1.85
N HIS A 29 16.38 -10.46 -2.61
CA HIS A 29 17.44 -9.76 -3.34
C HIS A 29 16.87 -8.91 -4.48
N LYS A 30 15.79 -9.38 -5.08
CA LYS A 30 15.15 -8.61 -6.15
C LYS A 30 14.59 -7.30 -5.61
N ILE A 31 14.03 -7.33 -4.42
CA ILE A 31 13.50 -6.13 -3.79
C ILE A 31 14.65 -5.13 -3.54
N ILE A 32 15.75 -5.60 -2.96
CA ILE A 32 16.91 -4.72 -2.75
C ILE A 32 17.41 -4.14 -4.07
N GLU A 33 17.52 -4.98 -5.10
N GLU A 33 17.38 -4.93 -5.15
CA GLU A 33 17.97 -4.52 -6.44
CA GLU A 33 17.79 -4.43 -6.46
C GLU A 33 17.11 -3.35 -6.92
C GLU A 33 16.81 -3.33 -6.93
N ASP A 34 15.79 -3.51 -6.75
N ASP A 34 15.51 -3.53 -6.74
CA ASP A 34 14.83 -2.50 -7.18
CA ASP A 34 14.54 -2.48 -7.09
C ASP A 34 15.05 -1.21 -6.39
C ASP A 34 14.90 -1.18 -6.37
N ILE A 35 15.17 -1.31 -5.08
CA ILE A 35 15.46 -0.14 -4.25
C ILE A 35 16.77 0.56 -4.65
N SER A 36 17.79 -0.23 -4.92
N SER A 36 17.80 -0.23 -4.93
CA SER A 36 19.10 0.27 -5.26
CA SER A 36 19.13 0.28 -5.26
C SER A 36 19.10 1.14 -6.52
C SER A 36 19.15 1.10 -6.55
N LYS A 37 18.18 0.86 -7.44
CA LYS A 37 18.10 1.62 -8.71
C LYS A 37 17.56 3.01 -8.51
N ASN A 38 16.96 3.25 -7.35
CA ASN A 38 16.28 4.50 -7.03
C ASN A 38 17.16 5.38 -6.18
N ASN A 39 17.56 6.48 -6.78
CA ASN A 39 18.45 7.43 -6.14
C ASN A 39 17.87 8.16 -4.95
N LYS A 40 16.61 7.88 -4.61
CA LYS A 40 15.99 8.49 -3.44
C LYS A 40 16.38 7.78 -2.13
N PHE A 41 16.95 6.59 -2.22
CA PHE A 41 17.24 5.80 -1.03
C PHE A 41 18.74 5.60 -0.80
N GLU A 42 19.12 5.63 0.48
CA GLU A 42 20.52 5.49 0.93
C GLU A 42 20.82 4.10 1.48
N ASP A 43 19.84 3.43 2.06
CA ASP A 43 20.09 2.12 2.70
C ASP A 43 18.81 1.31 2.73
N ALA A 44 18.98 -0.01 2.76
CA ALA A 44 17.83 -0.93 2.87
C ALA A 44 18.32 -2.31 3.27
N ALA A 45 17.46 -3.03 3.98
CA ALA A 45 17.74 -4.43 4.32
C ALA A 45 16.45 -5.13 4.61
N ILE A 46 16.48 -6.45 4.42
CA ILE A 46 15.34 -7.32 4.75
C ILE A 46 15.89 -8.31 5.76
N VAL A 47 15.24 -8.38 6.92
CA VAL A 47 15.71 -9.19 8.03
C VAL A 47 14.61 -10.09 8.55
N ASP A 48 14.93 -11.37 8.74
CA ASP A 48 13.93 -12.31 9.28
C ASP A 48 13.53 -11.90 10.70
N TYR A 49 12.27 -12.12 11.08
CA TYR A 49 11.89 -11.93 12.48
C TYR A 49 11.26 -13.15 13.14
N LYS A 50 11.09 -14.23 12.39
N LYS A 50 11.08 -14.24 12.41
CA LYS A 50 10.43 -15.42 12.90
CA LYS A 50 10.38 -15.40 12.98
C LYS A 50 11.35 -16.42 13.57
C LYS A 50 11.27 -16.57 13.41
N THR A 51 12.52 -16.62 12.99
CA THR A 51 13.42 -17.69 13.44
C THR A 51 14.81 -17.19 13.80
N THR A 52 15.75 -17.27 12.85
CA THR A 52 17.14 -16.92 13.12
C THR A 52 17.42 -15.43 13.21
N LYS A 53 16.53 -14.62 12.61
CA LYS A 53 16.67 -13.16 12.61
C LYS A 53 17.92 -12.67 11.89
N ASN A 54 18.30 -13.41 10.87
CA ASN A 54 19.41 -13.01 10.02
C ASN A 54 18.96 -12.05 8.93
N VAL A 55 19.95 -11.31 8.44
CA VAL A 55 19.77 -10.42 7.32
C VAL A 55 19.67 -11.30 6.09
N LEU A 56 18.57 -11.13 5.38
CA LEU A 56 18.25 -11.92 4.19
C LEU A 56 18.77 -11.27 2.90
N ALA A 57 18.79 -9.94 2.86
CA ALA A 57 19.32 -9.19 1.73
C ALA A 57 19.53 -7.76 2.21
N ALA A 58 20.52 -7.05 1.65
CA ALA A 58 20.81 -5.68 2.06
C ALA A 58 21.66 -4.96 1.08
N ILE A 59 21.54 -3.64 1.06
N ILE A 59 21.55 -3.63 1.08
CA ILE A 59 22.43 -2.85 0.24
CA ILE A 59 22.45 -2.81 0.29
C ILE A 59 23.82 -3.04 0.85
C ILE A 59 23.84 -3.09 0.88
N PRO A 60 24.82 -3.44 0.04
CA PRO A 60 26.14 -3.74 0.62
C PRO A 60 26.84 -2.56 1.27
N ASN A 61 27.58 -2.85 2.34
CA ASN A 61 28.49 -1.88 2.97
C ASN A 61 27.88 -0.60 3.49
N ARG A 62 26.63 -0.71 3.96
CA ARG A 62 25.99 0.40 4.65
C ARG A 62 25.55 -0.08 6.02
N THR A 63 24.79 0.72 6.74
CA THR A 63 24.47 0.41 8.14
C THR A 63 23.51 -0.74 8.36
N PHE A 64 22.48 -0.82 7.54
CA PHE A 64 21.46 -1.82 7.76
C PHE A 64 21.95 -3.26 7.54
N ALA A 65 23.02 -3.43 6.77
CA ALA A 65 23.56 -4.76 6.56
C ALA A 65 24.08 -5.36 7.88
N LYS A 66 24.35 -4.49 8.87
CA LYS A 66 24.86 -4.90 10.18
C LYS A 66 23.78 -5.20 11.24
N ILE A 67 22.51 -5.12 10.86
CA ILE A 67 21.45 -5.40 11.84
C ILE A 67 21.61 -6.81 12.43
N ASN A 68 21.54 -6.88 13.75
CA ASN A 68 21.70 -8.18 14.45
C ASN A 68 20.39 -8.62 15.16
N PRO A 69 20.30 -9.89 15.57
CA PRO A 69 19.05 -10.36 16.19
C PRO A 69 18.61 -9.58 17.42
N GLY A 70 19.56 -9.14 18.24
CA GLY A 70 19.27 -8.34 19.43
C GLY A 70 18.67 -6.95 19.13
N GLU A 71 18.73 -6.51 17.88
CA GLU A 71 18.11 -5.26 17.48
C GLU A 71 16.69 -5.52 16.95
N VAL A 72 16.47 -6.70 16.38
CA VAL A 72 15.14 -7.06 15.89
C VAL A 72 14.14 -7.27 17.02
N ILE A 73 14.57 -7.96 18.06
N ILE A 73 14.58 -7.99 18.05
CA ILE A 73 13.65 -8.32 19.13
CA ILE A 73 13.75 -8.31 19.22
C ILE A 73 12.95 -7.12 19.82
C ILE A 73 12.97 -7.11 19.79
N PRO A 74 13.68 -6.03 20.14
CA PRO A 74 12.98 -4.87 20.72
C PRO A 74 11.96 -4.22 19.78
N LEU A 75 12.25 -4.24 18.49
CA LEU A 75 11.34 -3.62 17.52
C LEU A 75 10.01 -4.34 17.45
N ILE A 76 10.04 -5.65 17.60
CA ILE A 76 8.79 -6.43 17.50
C ILE A 76 8.13 -6.74 18.83
N THR A 77 8.81 -6.42 19.92
N THR A 77 8.79 -6.48 19.96
CA THR A 77 8.35 -6.76 21.27
CA THR A 77 8.22 -6.81 21.29
C THR A 77 7.92 -5.58 22.13
C THR A 77 8.02 -5.64 22.27
N ASN A 78 8.69 -4.51 22.09
CA ASN A 78 8.50 -3.36 22.98
C ASN A 78 7.57 -2.33 22.38
N HIS A 79 6.35 -2.25 22.92
CA HIS A 79 5.35 -1.30 22.42
C HIS A 79 5.84 0.12 22.55
N ASN A 80 6.70 0.36 23.53
CA ASN A 80 7.19 1.69 23.84
C ASN A 80 8.57 2.00 23.33
N ILE A 81 9.05 1.23 22.36
N ILE A 81 9.04 1.23 22.34
CA ILE A 81 10.41 1.47 21.88
CA ILE A 81 10.37 1.43 21.77
C ILE A 81 10.49 2.88 21.29
C ILE A 81 10.49 2.89 21.28
N LEU A 82 11.59 3.54 21.63
CA LEU A 82 11.79 4.93 21.29
C LEU A 82 13.14 5.24 20.64
N LYS A 83 14.22 4.68 21.18
CA LYS A 83 15.57 4.95 20.67
C LYS A 83 16.28 3.62 20.37
N PRO A 84 15.74 2.86 19.41
CA PRO A 84 16.35 1.59 19.07
C PRO A 84 17.71 1.71 18.40
N LEU A 85 18.55 0.72 18.65
CA LEU A 85 19.79 0.54 17.90
C LEU A 85 19.45 -0.23 16.62
N ILE A 86 19.93 0.26 15.48
CA ILE A 86 19.71 -0.38 14.19
C ILE A 86 21.07 -0.36 13.47
N GLY A 87 21.68 -1.53 13.30
CA GLY A 87 23.03 -1.59 12.71
C GLY A 87 24.00 -0.86 13.60
N GLN A 88 23.76 -0.94 14.90
CA GLN A 88 24.61 -0.36 15.94
C GLN A 88 24.68 1.17 15.99
N LYS A 89 23.69 1.82 15.39
CA LYS A 89 23.52 3.27 15.48
C LYS A 89 22.11 3.57 15.97
N PHE A 90 21.93 4.63 16.74
CA PHE A 90 20.62 4.94 17.27
C PHE A 90 19.70 5.61 16.25
N CYS A 91 18.43 5.21 16.28
CA CYS A 91 17.37 5.84 15.50
C CYS A 91 16.28 6.28 16.50
N ILE A 92 15.34 7.08 16.03
N ILE A 92 15.39 7.17 16.06
CA ILE A 92 14.31 7.69 16.89
CA ILE A 92 14.33 7.69 16.93
C ILE A 92 12.95 7.41 16.29
C ILE A 92 12.97 7.41 16.30
N VAL A 93 12.11 6.71 17.04
CA VAL A 93 10.80 6.36 16.57
C VAL A 93 9.81 7.50 16.74
N TYR A 94 9.07 7.84 15.68
CA TYR A 94 8.01 8.86 15.82
C TYR A 94 6.58 8.38 15.51
N THR A 95 6.44 7.26 14.79
CA THR A 95 5.13 6.58 14.68
C THR A 95 5.38 5.08 14.73
N ASN A 96 4.47 4.33 15.33
CA ASN A 96 4.66 2.90 15.44
C ASN A 96 3.38 2.12 15.36
N SER A 97 3.12 1.56 14.18
CA SER A 97 2.02 0.63 13.96
C SER A 97 2.61 -0.65 13.36
N LEU A 98 3.85 -0.98 13.75
CA LEU A 98 4.54 -2.10 13.14
C LEU A 98 3.82 -3.44 13.32
N MSE A 99 3.26 -3.65 14.49
CA MSE A 99 2.66 -4.95 14.84
C MSE A 99 1.18 -5.02 14.53
O MSE A 99 0.53 -6.04 14.83
CB MSE A 99 2.97 -5.24 16.31
CG MSE A 99 4.47 -5.24 16.66
SE MSE A 99 5.63 -6.18 15.37
CE MSE A 99 4.97 -7.99 15.61
N ASP A 100 0.65 -3.97 13.91
CA ASP A 100 -0.74 -3.89 13.49
C ASP A 100 -0.87 -4.64 12.16
N GLU A 101 -1.87 -5.56 12.03
CA GLU A 101 -2.01 -6.31 10.78
C GLU A 101 -2.53 -5.55 9.59
N ASN A 102 -3.07 -4.37 9.83
CA ASN A 102 -3.59 -3.58 8.71
C ASN A 102 -2.58 -2.56 8.20
N THR A 103 -1.72 -2.06 9.10
CA THR A 103 -0.74 -1.02 8.75
C THR A 103 0.67 -1.57 8.56
N TYR A 104 1.13 -2.38 9.51
CA TYR A 104 2.41 -3.06 9.46
C TYR A 104 3.60 -2.15 9.09
N ALA A 105 3.66 -0.98 9.73
CA ALA A 105 4.72 -0.02 9.46
C ALA A 105 5.04 0.86 10.65
N MSE A 106 6.32 1.25 10.73
N MSE A 106 6.27 1.34 10.73
CA MSE A 106 6.89 2.14 11.77
CA MSE A 106 6.67 2.30 11.75
C MSE A 106 7.69 3.23 11.05
C MSE A 106 7.68 3.22 11.10
O MSE A 106 8.30 2.98 10.01
O MSE A 106 8.40 2.86 10.19
CB MSE A 106 7.87 1.30 12.61
CB MSE A 106 7.20 1.60 12.99
CG MSE A 106 8.52 2.08 13.77
CG MSE A 106 8.59 1.07 12.73
SE MSE A 106 9.89 1.01 14.64
SE MSE A 106 9.18 0.06 14.29
CE MSE A 106 8.73 0.03 15.87
CE MSE A 106 9.68 1.44 15.59
N GLU A 107 7.68 4.46 11.60
CA GLU A 107 8.48 5.56 11.03
C GLU A 107 9.49 6.05 12.04
N LEU A 108 10.72 6.25 11.59
CA LEU A 108 11.80 6.72 12.45
C LEU A 108 12.63 7.78 11.71
N LEU A 109 13.45 8.48 12.50
CA LEU A 109 14.52 9.30 11.98
C LEU A 109 15.85 8.77 12.45
N THR A 110 16.92 8.94 11.68
CA THR A 110 18.23 8.60 12.24
C THR A 110 18.53 9.53 13.45
N GLY A 111 19.25 8.97 14.43
CA GLY A 111 19.67 9.68 15.63
C GLY A 111 21.09 10.21 15.50
N TYR A 112 21.49 10.47 14.27
CA TYR A 112 22.82 10.96 13.96
C TYR A 112 22.74 11.67 12.62
N ALA A 113 23.70 12.52 12.35
CA ALA A 113 23.70 13.32 11.12
C ALA A 113 24.17 12.52 9.89
N PRO A 114 23.58 12.80 8.71
CA PRO A 114 22.51 13.76 8.45
C PRO A 114 21.17 13.13 8.82
N VAL A 115 20.28 13.91 9.44
CA VAL A 115 19.00 13.35 9.85
C VAL A 115 18.26 12.88 8.59
N SER A 116 17.86 11.59 8.58
CA SER A 116 17.25 10.96 7.42
C SER A 116 16.03 10.16 7.83
N PRO A 117 15.03 10.07 6.95
CA PRO A 117 13.80 9.31 7.25
C PRO A 117 13.99 7.81 7.03
N ILE A 118 13.44 7.03 7.96
CA ILE A 118 13.45 5.57 7.88
C ILE A 118 12.01 5.05 8.05
N VAL A 119 11.70 4.01 7.29
CA VAL A 119 10.47 3.25 7.51
C VAL A 119 10.83 1.79 7.63
N ILE A 120 10.22 1.12 8.60
CA ILE A 120 10.29 -0.34 8.72
C ILE A 120 8.88 -0.87 8.47
N ALA A 121 8.75 -1.86 7.58
CA ALA A 121 7.44 -2.47 7.29
C ALA A 121 7.58 -3.97 7.51
N ARG A 122 6.49 -4.59 7.92
CA ARG A 122 6.55 -6.01 8.36
C ARG A 122 5.71 -6.93 7.49
N THR A 123 6.34 -8.00 7.01
CA THR A 123 5.65 -9.01 6.21
C THR A 123 5.25 -10.13 7.17
N HIS A 124 4.86 -11.29 6.67
CA HIS A 124 4.50 -12.37 7.57
C HIS A 124 5.74 -12.99 8.25
N THR A 125 6.92 -12.81 7.65
CA THR A 125 8.14 -13.42 8.18
C THR A 125 9.37 -12.51 8.28
N ALA A 126 9.33 -11.33 7.65
CA ALA A 126 10.50 -10.44 7.58
C ALA A 126 10.15 -8.98 7.87
N LEU A 127 11.18 -8.21 8.19
CA LEU A 127 11.12 -6.76 8.32
C LEU A 127 11.87 -6.15 7.16
N ILE A 128 11.26 -5.17 6.52
CA ILE A 128 11.92 -4.40 5.46
C ILE A 128 12.27 -3.03 6.01
N PHE A 129 13.57 -2.73 6.06
CA PHE A 129 14.10 -1.44 6.54
C PHE A 129 14.48 -0.61 5.32
N LEU A 130 14.05 0.65 5.28
CA LEU A 130 14.36 1.56 4.16
C LEU A 130 14.72 2.92 4.69
N MSE A 131 15.86 3.45 4.25
CA MSE A 131 16.29 4.80 4.63
C MSE A 131 16.33 5.68 3.39
O MSE A 131 17.01 5.36 2.41
CB MSE A 131 17.71 4.77 5.21
CG MSE A 131 18.14 6.16 5.71
SE MSE A 131 20.01 6.16 6.32
CE MSE A 131 19.87 4.86 7.77
N GLY A 132 15.68 6.81 3.48
CA GLY A 132 15.75 7.81 2.42
C GLY A 132 16.96 8.70 2.56
N LYS A 133 17.38 9.30 1.46
CA LYS A 133 18.35 10.40 1.55
C LYS A 133 17.65 11.51 2.33
N PRO A 134 18.42 12.46 2.88
CA PRO A 134 17.73 13.49 3.66
C PRO A 134 16.67 14.30 2.91
N THR A 135 16.80 14.43 1.59
CA THR A 135 15.83 15.17 0.76
C THR A 135 14.60 14.35 0.38
N THR A 136 14.59 13.04 0.63
CA THR A 136 13.48 12.21 0.23
C THR A 136 12.31 12.37 1.19
N SER A 137 11.11 12.52 0.65
CA SER A 137 9.95 12.80 1.51
C SER A 137 9.54 11.60 2.35
N ARG A 138 8.95 11.91 3.50
CA ARG A 138 8.40 10.93 4.39
C ARG A 138 7.41 10.03 3.61
N ARG A 139 6.60 10.63 2.76
N ARG A 139 6.59 10.64 2.76
CA ARG A 139 5.63 9.86 2.01
CA ARG A 139 5.60 9.88 1.98
C ARG A 139 6.30 8.85 1.10
C ARG A 139 6.24 8.88 1.02
N ASP A 140 7.31 9.29 0.35
CA ASP A 140 8.01 8.38 -0.57
C ASP A 140 8.68 7.23 0.16
N VAL A 141 9.30 7.46 1.31
CA VAL A 141 9.89 6.33 2.02
C VAL A 141 8.80 5.38 2.49
N TYR A 142 7.72 5.93 3.05
CA TYR A 142 6.65 5.10 3.61
C TYR A 142 5.97 4.26 2.57
N ARG A 143 5.55 4.90 1.50
CA ARG A 143 4.81 4.19 0.46
C ARG A 143 5.69 3.17 -0.24
N THR A 144 6.96 3.49 -0.48
CA THR A 144 7.83 2.55 -1.14
C THR A 144 8.08 1.29 -0.25
N CYS A 145 8.40 1.51 1.02
CA CYS A 145 8.67 0.40 1.91
C CYS A 145 7.41 -0.46 2.16
N ARG A 146 6.31 0.21 2.49
CA ARG A 146 5.09 -0.49 2.81
C ARG A 146 4.55 -1.22 1.60
N ASP A 147 4.64 -0.63 0.40
CA ASP A 147 4.15 -1.35 -0.79
C ASP A 147 4.95 -2.63 -1.05
N HIS A 148 6.26 -2.60 -0.82
CA HIS A 148 7.05 -3.85 -0.91
C HIS A 148 6.52 -4.91 0.06
N ALA A 149 6.23 -4.49 1.31
CA ALA A 149 5.68 -5.43 2.30
C ALA A 149 4.32 -5.96 1.86
N THR A 150 3.48 -5.10 1.27
CA THR A 150 2.16 -5.53 0.79
C THR A 150 2.30 -6.63 -0.27
N ARG A 151 3.22 -6.43 -1.21
CA ARG A 151 3.45 -7.46 -2.24
C ARG A 151 3.95 -8.77 -1.64
N VAL A 152 4.91 -8.70 -0.73
CA VAL A 152 5.47 -9.91 -0.18
C VAL A 152 4.42 -10.66 0.64
N ARG A 153 3.62 -9.93 1.41
CA ARG A 153 2.58 -10.58 2.22
C ARG A 153 1.61 -11.41 1.40
N ALA A 154 1.33 -11.00 0.17
CA ALA A 154 0.43 -11.74 -0.70
C ALA A 154 0.99 -13.10 -1.11
N THR A 155 2.29 -13.27 -0.99
CA THR A 155 2.94 -14.57 -1.31
C THR A 155 3.01 -15.47 -0.08
N GLY A 156 2.60 -14.94 1.08
CA GLY A 156 2.67 -15.68 2.34
C GLY A 156 3.95 -15.47 3.16
N ASN A 157 4.89 -14.73 2.59
CA ASN A 157 6.17 -14.45 3.21
C ASN A 157 6.20 -13.13 3.98
N ALA B 26 -5.24 -13.34 -11.70
CA ALA B 26 -5.88 -12.11 -11.12
C ALA B 26 -6.77 -12.44 -9.91
N GLU B 27 -7.52 -13.53 -10.03
CA GLU B 27 -8.43 -14.00 -8.98
C GLU B 27 -9.33 -12.86 -8.39
N TRP B 28 -10.05 -12.22 -9.29
CA TRP B 28 -10.93 -11.12 -8.91
C TRP B 28 -11.95 -11.52 -7.85
N HIS B 29 -12.45 -12.74 -7.93
CA HIS B 29 -13.44 -13.24 -6.97
C HIS B 29 -12.97 -13.24 -5.51
N LYS B 30 -11.67 -13.37 -5.31
CA LYS B 30 -11.14 -13.36 -3.95
C LYS B 30 -11.18 -11.96 -3.39
N ILE B 31 -11.01 -10.97 -4.26
CA ILE B 31 -11.08 -9.58 -3.83
C ILE B 31 -12.51 -9.23 -3.43
N ILE B 32 -13.50 -9.58 -4.27
CA ILE B 32 -14.89 -9.36 -3.93
C ILE B 32 -15.27 -10.03 -2.63
N GLU B 33 -14.82 -11.28 -2.41
CA GLU B 33 -15.15 -11.94 -1.13
C GLU B 33 -14.48 -11.28 0.05
N ASP B 34 -13.23 -10.84 -0.13
CA ASP B 34 -12.54 -10.12 0.96
C ASP B 34 -13.35 -8.88 1.39
N ILE B 35 -13.90 -8.18 0.41
N ILE B 35 -13.84 -8.10 0.42
CA ILE B 35 -14.72 -7.01 0.67
CA ILE B 35 -14.61 -6.90 0.75
C ILE B 35 -16.10 -7.41 1.22
C ILE B 35 -15.94 -7.24 1.41
N SER B 36 -16.72 -8.43 0.63
N SER B 36 -16.65 -8.18 0.79
CA SER B 36 -18.04 -8.90 1.09
CA SER B 36 -17.97 -8.61 1.27
C SER B 36 -18.05 -9.28 2.57
C SER B 36 -17.95 -9.05 2.71
N LYS B 37 -16.94 -9.82 3.09
CA LYS B 37 -16.90 -10.29 4.45
C LYS B 37 -16.66 -9.20 5.51
N ASN B 38 -16.34 -7.98 5.04
CA ASN B 38 -16.07 -6.83 5.88
C ASN B 38 -17.28 -5.87 5.88
N ASN B 39 -17.97 -5.79 7.01
CA ASN B 39 -19.15 -4.96 7.14
C ASN B 39 -18.87 -3.47 7.11
N LYS B 40 -17.60 -3.08 6.96
CA LYS B 40 -17.25 -1.68 6.76
C LYS B 40 -17.54 -1.22 5.34
N PHE B 41 -17.79 -2.13 4.43
CA PHE B 41 -17.98 -1.78 3.01
C PHE B 41 -19.40 -2.10 2.50
N GLU B 42 -19.89 -1.21 1.66
CA GLU B 42 -21.21 -1.29 1.09
C GLU B 42 -21.22 -1.83 -0.33
N ASP B 43 -20.18 -1.53 -1.12
CA ASP B 43 -20.20 -1.92 -2.52
C ASP B 43 -18.78 -2.02 -3.07
N ALA B 44 -18.62 -2.78 -4.13
CA ALA B 44 -17.33 -2.89 -4.82
C ALA B 44 -17.51 -3.48 -6.20
N ALA B 45 -16.60 -3.10 -7.10
CA ALA B 45 -16.56 -3.67 -8.46
C ALA B 45 -15.17 -3.54 -9.01
N ILE B 46 -14.83 -4.45 -9.91
CA ILE B 46 -13.58 -4.43 -10.64
C ILE B 46 -13.98 -4.37 -12.11
N VAL B 47 -13.49 -3.35 -12.80
CA VAL B 47 -13.95 -3.06 -14.17
C VAL B 47 -12.74 -2.88 -15.09
N ASP B 48 -12.74 -3.58 -16.22
CA ASP B 48 -11.68 -3.42 -17.17
C ASP B 48 -11.62 -2.01 -17.71
N TYR B 49 -10.41 -1.52 -17.98
CA TYR B 49 -10.30 -0.25 -18.70
C TYR B 49 -9.46 -0.33 -19.97
N LYS B 50 -9.00 -1.53 -20.36
CA LYS B 50 -8.10 -1.69 -21.51
CA LYS B 50 -8.10 -1.68 -21.51
C LYS B 50 -8.74 -2.23 -22.80
N THR B 51 -9.78 -3.05 -22.69
CA THR B 51 -10.40 -3.60 -23.90
C THR B 51 -11.89 -3.30 -23.92
N THR B 52 -12.74 -4.30 -23.64
CA THR B 52 -14.19 -4.08 -23.77
C THR B 52 -14.84 -3.33 -22.57
N LYS B 53 -14.04 -3.06 -21.54
CA LYS B 53 -14.47 -2.29 -20.37
C LYS B 53 -15.71 -2.83 -19.66
N ASN B 54 -15.80 -4.14 -19.58
CA ASN B 54 -16.89 -4.79 -18.85
C ASN B 54 -16.52 -4.90 -17.35
N VAL B 55 -17.55 -5.07 -16.54
CA VAL B 55 -17.36 -5.38 -15.14
C VAL B 55 -16.85 -6.81 -15.09
N LEU B 56 -15.74 -7.01 -14.40
CA LEU B 56 -15.09 -8.33 -14.24
C LEU B 56 -15.60 -9.07 -13.01
N ALA B 57 -15.92 -8.32 -11.95
CA ALA B 57 -16.43 -8.90 -10.72
C ALA B 57 -17.05 -7.77 -9.94
N ALA B 58 -18.08 -8.07 -9.17
CA ALA B 58 -18.73 -7.06 -8.36
C ALA B 58 -19.59 -7.64 -7.27
N ILE B 59 -19.82 -6.86 -6.23
N ILE B 59 -19.86 -6.82 -6.25
CA ILE B 59 -20.82 -7.24 -5.25
CA ILE B 59 -20.86 -7.14 -5.23
C ILE B 59 -22.12 -7.21 -6.06
C ILE B 59 -22.18 -7.16 -6.01
N PRO B 60 -22.86 -8.32 -6.08
CA PRO B 60 -24.03 -8.34 -6.96
C PRO B 60 -25.20 -7.47 -6.50
N ASN B 61 -25.96 -6.97 -7.49
CA ASN B 61 -27.22 -6.27 -7.26
C ASN B 61 -27.14 -4.99 -6.50
N ARG B 62 -25.98 -4.33 -6.59
N ARG B 62 -26.01 -4.29 -6.59
CA ARG B 62 -25.80 -3.01 -6.00
CA ARG B 62 -25.88 -2.99 -5.98
C ARG B 62 -25.32 -2.06 -7.12
C ARG B 62 -25.58 -1.98 -7.10
N THR B 63 -25.02 -0.82 -6.77
CA THR B 63 -24.78 0.21 -7.78
C THR B 63 -23.58 -0.01 -8.67
N PHE B 64 -22.47 -0.40 -8.08
CA PHE B 64 -21.26 -0.53 -8.88
C PHE B 64 -21.29 -1.65 -9.94
N ALA B 65 -22.16 -2.66 -9.74
CA ALA B 65 -22.32 -3.70 -10.75
C ALA B 65 -22.85 -3.14 -12.10
N LYS B 66 -23.41 -1.93 -12.06
CA LYS B 66 -24.00 -1.28 -13.21
C LYS B 66 -23.04 -0.36 -13.96
N ILE B 67 -21.78 -0.30 -13.54
CA ILE B 67 -20.81 0.58 -14.21
C ILE B 67 -20.62 0.21 -15.67
N ASN B 68 -20.66 1.22 -16.55
CA ASN B 68 -20.54 1.01 -17.99
C ASN B 68 -19.33 1.73 -18.60
N PRO B 69 -18.96 1.37 -19.83
CA PRO B 69 -17.79 2.02 -20.44
C PRO B 69 -17.87 3.54 -20.51
N GLY B 70 -19.06 4.08 -20.71
CA GLY B 70 -19.25 5.54 -20.79
C GLY B 70 -18.91 6.25 -19.49
N GLU B 71 -18.90 5.50 -18.39
CA GLU B 71 -18.50 6.01 -17.10
C GLU B 71 -16.98 5.79 -16.88
N VAL B 72 -16.44 4.70 -17.39
CA VAL B 72 -15.01 4.38 -17.22
C VAL B 72 -14.13 5.35 -17.99
N ILE B 73 -14.51 5.65 -19.24
CA ILE B 73 -13.69 6.48 -20.10
C ILE B 73 -13.41 7.86 -19.48
N PRO B 74 -14.43 8.58 -18.99
CA PRO B 74 -14.11 9.89 -18.37
C PRO B 74 -13.16 9.79 -17.15
N LEU B 75 -13.31 8.76 -16.31
CA LEU B 75 -12.45 8.62 -15.15
C LEU B 75 -10.97 8.45 -15.52
N ILE B 76 -10.69 7.81 -16.66
CA ILE B 76 -9.31 7.55 -17.04
C ILE B 76 -8.77 8.54 -18.07
N THR B 77 -9.61 9.49 -18.46
N THR B 77 -9.60 9.50 -18.50
CA THR B 77 -9.23 10.45 -19.50
CA THR B 77 -9.17 10.48 -19.50
C THR B 77 -9.24 11.91 -19.00
C THR B 77 -9.30 11.95 -19.09
N ASN B 78 -10.23 12.26 -18.19
CA ASN B 78 -10.41 13.61 -17.73
C ASN B 78 -9.79 13.86 -16.34
N HIS B 79 -8.59 14.46 -16.32
CA HIS B 79 -7.91 14.73 -15.06
C HIS B 79 -8.68 15.68 -14.17
N ASN B 80 -9.54 16.51 -14.75
CA ASN B 80 -10.29 17.50 -14.00
C ASN B 80 -11.71 17.06 -13.69
N ILE B 81 -11.99 15.78 -13.84
CA ILE B 81 -13.35 15.28 -13.59
C ILE B 81 -13.77 15.60 -12.13
N LEU B 82 -15.03 15.98 -11.96
CA LEU B 82 -15.50 16.45 -10.65
C LEU B 82 -16.78 15.77 -10.19
N LYS B 83 -17.71 15.55 -11.11
N LYS B 83 -17.75 15.59 -11.07
CA LYS B 83 -19.03 14.98 -10.79
CA LYS B 83 -19.00 14.93 -10.68
C LYS B 83 -19.32 13.82 -11.77
C LYS B 83 -19.35 13.83 -11.67
N PRO B 84 -18.55 12.75 -11.66
CA PRO B 84 -18.74 11.61 -12.55
C PRO B 84 -20.00 10.81 -12.25
N LEU B 85 -20.56 10.19 -13.28
CA LEU B 85 -21.60 9.18 -13.11
C LEU B 85 -20.95 7.85 -12.87
N ILE B 86 -21.39 7.13 -11.86
CA ILE B 86 -20.88 5.80 -11.54
C ILE B 86 -22.07 4.93 -11.26
N GLY B 87 -22.30 3.91 -12.08
CA GLY B 87 -23.50 3.10 -11.92
C GLY B 87 -24.77 3.93 -12.05
N GLN B 88 -24.70 4.96 -12.88
CA GLN B 88 -25.81 5.86 -13.16
C GLN B 88 -26.24 6.79 -12.01
N LYS B 89 -25.34 6.95 -11.03
CA LYS B 89 -25.56 7.87 -9.91
CA LYS B 89 -25.56 7.89 -9.94
C LYS B 89 -24.34 8.79 -9.82
N PHE B 90 -24.56 10.02 -9.39
CA PHE B 90 -23.45 10.96 -9.29
C PHE B 90 -22.61 10.78 -8.04
N CYS B 91 -21.32 10.96 -8.23
CA CYS B 91 -20.34 11.00 -7.15
C CYS B 91 -19.52 12.29 -7.30
N ILE B 92 -18.75 12.66 -6.28
CA ILE B 92 -18.05 13.92 -6.23
C ILE B 92 -16.61 13.67 -5.88
N VAL B 93 -15.72 14.06 -6.79
CA VAL B 93 -14.28 13.85 -6.62
C VAL B 93 -13.65 14.90 -5.73
N TYR B 94 -12.89 14.48 -4.72
CA TYR B 94 -12.16 15.43 -3.86
C TYR B 94 -10.65 15.26 -3.86
N THR B 95 -10.12 14.11 -4.29
CA THR B 95 -8.68 14.01 -4.61
C THR B 95 -8.52 13.10 -5.82
N ASN B 96 -7.52 13.35 -6.64
CA ASN B 96 -7.33 12.56 -7.85
C ASN B 96 -5.88 12.41 -8.26
N SER B 97 -5.33 11.24 -7.96
CA SER B 97 -4.01 10.83 -8.47
C SER B 97 -4.16 9.50 -9.19
N LEU B 98 -5.30 9.28 -9.84
CA LEU B 98 -5.54 7.97 -10.48
C LEU B 98 -4.58 7.61 -11.57
N MSE B 99 -4.15 8.60 -12.36
N MSE B 99 -4.19 8.63 -12.35
CA MSE B 99 -3.28 8.26 -13.50
CA MSE B 99 -3.30 8.46 -13.51
C MSE B 99 -1.81 8.36 -13.18
C MSE B 99 -1.83 8.30 -13.16
O MSE B 99 -0.97 8.19 -14.09
O MSE B 99 -1.05 7.83 -13.98
CB MSE B 99 -3.76 9.10 -14.68
CB MSE B 99 -3.49 9.73 -14.35
CG MSE B 99 -5.27 8.96 -15.00
CG MSE B 99 -4.60 9.58 -15.40
SE MSE B 99 -6.06 7.17 -14.99
SE MSE B 99 -6.38 10.17 -14.76
CE MSE B 99 -5.04 6.35 -16.45
CE MSE B 99 -6.87 11.35 -16.26
N ASP B 100 -1.47 8.66 -11.93
CA ASP B 100 -0.07 8.65 -11.44
C ASP B 100 0.31 7.19 -11.19
N GLU B 101 1.41 6.72 -11.76
CA GLU B 101 1.82 5.32 -11.60
C GLU B 101 2.37 4.97 -10.23
N ASN B 102 2.64 5.96 -9.39
CA ASN B 102 3.09 5.69 -8.01
C ASN B 102 1.95 5.65 -6.99
N THR B 103 0.86 6.36 -7.29
CA THR B 103 -0.28 6.46 -6.36
C THR B 103 -1.51 5.66 -6.81
N TYR B 104 -1.91 5.87 -8.06
CA TYR B 104 -2.99 5.15 -8.71
C TYR B 104 -4.28 5.07 -7.90
N ALA B 105 -4.69 6.21 -7.34
CA ALA B 105 -5.90 6.25 -6.54
C ALA B 105 -6.59 7.62 -6.58
N MSE B 106 -7.93 7.58 -6.48
N MSE B 106 -7.91 7.62 -6.43
CA MSE B 106 -8.84 8.75 -6.50
CA MSE B 106 -8.67 8.87 -6.35
C MSE B 106 -9.80 8.60 -5.34
C MSE B 106 -9.75 8.62 -5.32
O MSE B 106 -10.22 7.47 -5.01
O MSE B 106 -10.19 7.48 -5.10
CB MSE B 106 -9.66 8.74 -7.81
CB MSE B 106 -9.21 9.32 -7.71
CG MSE B 106 -10.67 9.87 -7.97
CG MSE B 106 -10.27 8.36 -8.23
SE MSE B 106 -11.85 9.55 -9.50
SE MSE B 106 -10.75 8.80 -10.08
CE MSE B 106 -10.69 10.24 -10.91
CE MSE B 106 -11.95 10.34 -9.80
N GLU B 107 -10.18 9.73 -4.71
CA GLU B 107 -11.15 9.70 -3.58
C GLU B 107 -12.39 10.50 -3.94
N LEU B 108 -13.55 9.95 -3.63
CA LEU B 108 -14.82 10.58 -3.92
C LEU B 108 -15.79 10.41 -2.75
N LEU B 109 -16.85 11.19 -2.80
CA LEU B 109 -18.02 10.97 -1.95
C LEU B 109 -19.22 10.72 -2.86
N THR B 110 -20.19 9.93 -2.39
CA THR B 110 -21.43 9.80 -3.12
C THR B 110 -22.12 11.17 -3.17
N GLY B 111 -22.77 11.44 -4.30
CA GLY B 111 -23.54 12.68 -4.53
C GLY B 111 -25.00 12.47 -4.23
N TYR B 112 -25.28 11.55 -3.31
CA TYR B 112 -26.63 11.22 -2.89
C TYR B 112 -26.55 10.60 -1.50
N ALA B 113 -27.66 10.62 -0.77
CA ALA B 113 -27.66 10.12 0.61
C ALA B 113 -27.76 8.59 0.68
N PRO B 114 -27.11 7.98 1.70
CA PRO B 114 -26.27 8.66 2.69
C PRO B 114 -24.89 8.95 2.15
N VAL B 115 -24.37 10.13 2.45
CA VAL B 115 -23.04 10.49 1.97
C VAL B 115 -22.03 9.45 2.44
N SER B 116 -21.34 8.82 1.51
CA SER B 116 -20.41 7.74 1.81
C SER B 116 -19.11 7.89 1.06
N PRO B 117 -18.02 7.41 1.66
CA PRO B 117 -16.71 7.51 1.01
C PRO B 117 -16.47 6.45 -0.02
N ILE B 118 -15.88 6.86 -1.16
CA ILE B 118 -15.51 5.95 -2.25
C ILE B 118 -14.03 6.15 -2.59
N VAL B 119 -13.36 5.05 -2.92
CA VAL B 119 -12.03 5.12 -3.49
C VAL B 119 -12.02 4.29 -4.76
N ILE B 120 -11.35 4.83 -5.77
CA ILE B 120 -11.11 4.10 -7.02
C ILE B 120 -9.59 3.97 -7.17
N ALA B 121 -9.11 2.75 -7.35
CA ALA B 121 -7.66 2.50 -7.54
C ALA B 121 -7.46 1.80 -8.87
N ARG B 122 -6.33 2.07 -9.51
CA ARG B 122 -6.10 1.60 -10.88
C ARG B 122 -4.96 0.58 -10.96
N THR B 123 -5.24 -0.56 -11.55
CA THR B 123 -4.22 -1.59 -11.77
C THR B 123 -3.67 -1.42 -13.22
N HIS B 124 -2.91 -2.39 -13.71
CA HIS B 124 -2.44 -2.29 -15.09
C HIS B 124 -3.55 -2.47 -16.10
N THR B 125 -4.66 -3.12 -15.70
CA THR B 125 -5.76 -3.39 -16.65
C THR B 125 -7.17 -3.07 -16.17
N ALA B 126 -7.33 -2.82 -14.87
CA ALA B 126 -8.65 -2.65 -14.27
C ALA B 126 -8.72 -1.50 -13.28
N LEU B 127 -9.94 -1.05 -13.02
CA LEU B 127 -10.24 -0.10 -11.96
C LEU B 127 -10.96 -0.87 -10.85
N ILE B 128 -10.57 -0.60 -9.63
CA ILE B 128 -11.21 -1.18 -8.44
C ILE B 128 -11.97 -0.08 -7.74
N PHE B 129 -13.29 -0.25 -7.64
CA PHE B 129 -14.17 0.71 -7.01
C PHE B 129 -14.59 0.16 -5.66
N LEU B 130 -14.46 0.98 -4.62
CA LEU B 130 -14.83 0.55 -3.27
C LEU B 130 -15.59 1.63 -2.54
N MSE B 131 -16.78 1.27 -2.00
CA MSE B 131 -17.61 2.21 -1.24
C MSE B 131 -17.69 1.77 0.19
O MSE B 131 -18.07 0.62 0.47
CB MSE B 131 -19.01 2.28 -1.85
CG MSE B 131 -19.83 3.33 -1.09
SE MSE B 131 -21.70 3.32 -1.66
CE MSE B 131 -21.41 3.81 -3.52
N GLY B 132 -17.35 2.63 1.13
CA GLY B 132 -17.54 2.31 2.54
C GLY B 132 -18.96 2.66 3.02
N LYS B 133 -19.35 2.08 4.13
CA LYS B 133 -20.53 2.55 4.84
C LYS B 133 -20.20 4.00 5.24
N PRO B 134 -21.23 4.79 5.55
CA PRO B 134 -20.97 6.19 5.89
C PRO B 134 -20.01 6.43 7.05
N THR B 135 -19.97 5.51 8.01
CA THR B 135 -19.11 5.65 9.17
C THR B 135 -17.69 5.13 8.98
N THR B 136 -17.41 4.48 7.85
CA THR B 136 -16.09 3.92 7.60
C THR B 136 -15.11 5.05 7.26
N SER B 137 -13.94 5.01 7.87
CA SER B 137 -13.01 6.12 7.71
C SER B 137 -12.42 6.23 6.31
N ARG B 138 -12.07 7.45 5.98
CA ARG B 138 -11.39 7.76 4.72
C ARG B 138 -10.16 6.88 4.56
N ARG B 139 -9.38 6.77 5.63
CA ARG B 139 -8.16 5.99 5.62
C ARG B 139 -8.44 4.51 5.31
N ASP B 140 -9.45 3.94 5.95
CA ASP B 140 -9.76 2.52 5.76
C ASP B 140 -10.20 2.23 4.33
N VAL B 141 -11.00 3.11 3.73
CA VAL B 141 -11.44 2.87 2.34
C VAL B 141 -10.24 2.96 1.41
N TYR B 142 -9.44 4.00 1.62
CA TYR B 142 -8.28 4.23 0.75
C TYR B 142 -7.26 3.10 0.82
N ARG B 143 -6.87 2.72 2.01
N ARG B 143 -6.84 2.76 2.03
CA ARG B 143 -5.83 1.74 2.16
CA ARG B 143 -5.86 1.71 2.25
C ARG B 143 -6.32 0.36 1.70
C ARG B 143 -6.33 0.39 1.67
N THR B 144 -7.58 0.04 1.96
CA THR B 144 -8.14 -1.23 1.54
C THR B 144 -8.16 -1.33 0.01
N CYS B 145 -8.68 -0.31 -0.65
CA CYS B 145 -8.78 -0.33 -2.08
C CYS B 145 -7.39 -0.28 -2.76
N ARG B 146 -6.57 0.66 -2.34
CA ARG B 146 -5.24 0.80 -2.95
C ARG B 146 -4.37 -0.42 -2.71
N ASP B 147 -4.46 -1.05 -1.54
CA ASP B 147 -3.67 -2.28 -1.28
C ASP B 147 -4.11 -3.40 -2.22
N HIS B 148 -5.41 -3.50 -2.50
CA HIS B 148 -5.86 -4.50 -3.48
C HIS B 148 -5.22 -4.21 -4.84
N ALA B 149 -5.17 -2.94 -5.23
CA ALA B 149 -4.56 -2.60 -6.51
C ALA B 149 -3.06 -2.89 -6.53
N THR B 150 -2.38 -2.63 -5.41
CA THR B 150 -0.94 -2.92 -5.31
C THR B 150 -0.70 -4.42 -5.52
N ARG B 151 -1.53 -5.24 -4.90
CA ARG B 151 -1.36 -6.70 -5.06
C ARG B 151 -1.66 -7.15 -6.49
N VAL B 152 -2.74 -6.61 -7.07
CA VAL B 152 -3.11 -7.01 -8.41
C VAL B 152 -2.01 -6.62 -9.42
N ARG B 153 -1.47 -5.42 -9.28
N ARG B 153 -1.48 -5.40 -9.28
CA ARG B 153 -0.43 -4.94 -10.20
CA ARG B 153 -0.43 -4.93 -10.17
C ARG B 153 0.81 -5.84 -10.18
C ARG B 153 0.76 -5.90 -10.19
N ALA B 154 1.11 -6.42 -9.03
CA ALA B 154 2.24 -7.33 -8.89
C ALA B 154 2.06 -8.64 -9.66
N THR B 155 0.81 -9.02 -9.93
CA THR B 155 0.49 -10.23 -10.71
C THR B 155 0.47 -9.95 -12.21
N GLY B 156 0.70 -8.71 -12.60
CA GLY B 156 0.62 -8.27 -14.01
C GLY B 156 -0.79 -7.97 -14.48
N ASN B 157 -1.69 -7.65 -13.57
CA ASN B 157 -3.06 -7.33 -13.97
C ASN B 157 -3.49 -5.94 -13.53
O1 PE8 C . 7.84 14.51 9.13
C2 PE8 C . 7.19 15.69 8.60
C3 PE8 C . 5.68 15.48 8.52
O4 PE8 C . 5.30 15.10 7.20
C5 PE8 C . 3.96 15.46 6.85
C6 PE8 C . 3.52 14.73 5.59
O7 PE8 C . 3.35 13.34 5.86
C8 PE8 C . 2.99 12.58 4.70
C9 PE8 C . 3.59 11.19 4.76
O10 PE8 C . 2.79 10.29 5.54
C11 PE8 C . 3.32 8.96 5.55
C12 PE8 C . 2.48 8.05 6.44
O13 PE8 C . 1.12 7.92 6.02
C14 PE8 C . 0.92 7.60 4.65
C15 PE8 C . -0.43 6.90 4.44
O16 PE8 C . -1.38 7.81 3.88
C17 PE8 C . -1.55 7.67 2.46
C18 PE8 C . -2.61 8.64 1.97
O19 PE8 C . -3.88 8.38 2.57
C20 PE8 C . -4.87 9.29 2.08
C21 PE8 C . -6.26 8.96 2.62
O22 PE8 C . -6.25 8.99 4.06
C23 PE8 C . -6.30 10.29 4.61
C24 PE8 C . -7.10 10.27 5.91
O25 PE8 C . -7.49 11.61 6.29
C1 EDO D . 2.15 1.82 19.32
O1 EDO D . 2.63 3.13 18.99
C2 EDO D . 3.29 0.82 19.36
O2 EDO D . 3.21 0.02 20.55
CL CL E . -5.67 15.38 2.27
CL CL E . -5.03 16.66 1.47
C1 PEG F . -13.33 13.51 3.61
O1 PEG F . -14.19 12.45 4.03
C2 PEG F . -12.92 14.36 4.81
O2 PEG F . -11.49 14.44 4.86
C3 PEG F . -10.92 14.61 6.17
C4 PEG F . -9.68 13.72 6.26
O4 PEG F . -9.45 13.24 7.59
C1 EDO G . -10.21 -13.94 -12.40
O1 EDO G . -8.94 -13.56 -11.82
C2 EDO G . -10.08 -13.94 -13.92
O2 EDO G . -11.38 -13.97 -14.53
#